data_5L9F
#
_entry.id   5L9F
#
_cell.length_a   49.215
_cell.length_b   91.088
_cell.length_c   117.865
_cell.angle_alpha   90.00
_cell.angle_beta   90.00
_cell.angle_gamma   90.00
#
_symmetry.space_group_name_H-M   'P 21 21 21'
#
loop_
_entity.id
_entity.type
_entity.pdbx_description
1 polymer '1-(5-phosphoribosyl)-5-[(5-phosphoribosylamino)methylideneamino] imidazole-4-carboxamide isomerase'
2 non-polymer 'SODIUM ION'
3 non-polymer 'SULFATE ION'
4 water water
#
_entity_poly.entity_id   1
_entity_poly.type   'polypeptide(L)'
_entity_poly.pdbx_seq_one_letter_code
;MIIPALDLIGDTVVRVVRLHQGDYARQRDYGNDPLPRLQDYAAQGAEVLHLVDLTGAKDPAKRQIPLIKTLVAGVNVPVQ
VGGGVRTEEDVAALLKAGVARVVIASTAVKSPDVVKGWFERFGAQALVLALDVRIDEHGTKQVAVSGWQENSGVSLEQLV
ETYLPVGLKHVLCTDISRDGTLAGSNVSLYEEVCARYPQIAFQSSGGIGDIDDIAALRGTGVRGVIVGRALLEGKFTVKE
AIQ(CME)WQNVKGHHHHHH
;
_entity_poly.pdbx_strand_id   A,B
#
loop_
_chem_comp.id
_chem_comp.type
_chem_comp.name
_chem_comp.formula
NA non-polymer 'SODIUM ION' 'Na 1'
SO4 non-polymer 'SULFATE ION' 'O4 S -2'
#
# COMPACT_ATOMS: atom_id res chain seq x y z
N MET A 1 14.07 6.37 -14.39
CA MET A 1 13.10 5.34 -14.05
C MET A 1 12.77 5.24 -12.57
N ILE A 2 11.49 5.02 -12.31
CA ILE A 2 11.05 4.56 -11.02
C ILE A 2 11.24 3.04 -10.96
N ILE A 3 11.94 2.59 -9.93
CA ILE A 3 12.17 1.18 -9.71
C ILE A 3 11.58 0.72 -8.37
N PRO A 4 10.35 0.19 -8.41
CA PRO A 4 9.71 -0.27 -7.17
C PRO A 4 10.43 -1.46 -6.60
N ALA A 5 10.41 -1.63 -5.29
CA ALA A 5 11.27 -2.61 -4.66
C ALA A 5 10.62 -3.26 -3.46
N LEU A 6 10.84 -4.57 -3.28
CA LEU A 6 10.35 -5.30 -2.12
C LEU A 6 11.48 -5.98 -1.39
N ASP A 7 11.50 -5.89 -0.07
CA ASP A 7 12.48 -6.66 0.69
C ASP A 7 11.82 -7.93 1.25
N LEU A 8 12.46 -9.08 1.03
CA LEU A 8 11.84 -10.36 1.39
C LEU A 8 12.58 -11.15 2.48
N ILE A 9 11.84 -11.49 3.54
CA ILE A 9 12.28 -12.51 4.50
C ILE A 9 11.34 -13.71 4.40
N GLY A 10 11.86 -14.81 3.87
CA GLY A 10 11.00 -15.93 3.53
C GLY A 10 9.99 -15.43 2.51
N ASP A 11 8.73 -15.78 2.76
CA ASP A 11 7.64 -15.39 1.88
C ASP A 11 7.08 -14.01 2.25
N THR A 12 7.75 -13.34 3.18
CA THR A 12 7.18 -12.17 3.84
C THR A 12 7.82 -10.83 3.46
N VAL A 13 6.98 -9.92 2.98
CA VAL A 13 7.36 -8.56 2.67
C VAL A 13 7.69 -7.75 3.93
N VAL A 14 8.88 -7.15 3.97
CA VAL A 14 9.27 -6.40 5.14
C VAL A 14 9.88 -5.02 4.92
N ARG A 15 10.02 -4.32 6.03
CA ARG A 15 10.62 -3.00 6.10
C ARG A 15 11.87 -3.28 6.89
N VAL A 16 13.01 -2.73 6.49
CA VAL A 16 14.21 -3.04 7.21
C VAL A 16 15.22 -1.91 7.48
N VAL A 17 16.26 -2.26 8.23
CA VAL A 17 17.34 -1.35 8.61
C VAL A 17 18.40 -2.14 9.35
N ARG A 26 15.01 -5.72 11.08
CA ARG A 26 13.62 -5.82 10.66
C ARG A 26 12.78 -4.78 11.39
N GLN A 27 11.84 -4.14 10.69
CA GLN A 27 11.00 -3.15 11.33
C GLN A 27 9.50 -3.43 11.28
N ARG A 28 8.99 -3.75 10.10
CA ARG A 28 7.54 -3.92 9.97
C ARG A 28 7.19 -5.04 8.97
N ASP A 29 6.04 -5.66 9.21
CA ASP A 29 5.61 -6.85 8.47
C ASP A 29 4.37 -6.51 7.66
N TYR A 30 4.41 -6.71 6.34
CA TYR A 30 3.32 -6.26 5.48
C TYR A 30 2.61 -7.35 4.68
N GLY A 31 2.77 -8.62 5.07
CA GLY A 31 2.05 -9.69 4.42
C GLY A 31 2.86 -10.67 3.58
N ASN A 32 2.16 -11.56 2.89
CA ASN A 32 2.78 -12.64 2.16
C ASN A 32 2.28 -12.71 0.74
N ASP A 33 1.97 -11.55 0.17
CA ASP A 33 1.56 -11.49 -1.20
C ASP A 33 2.52 -10.64 -2.01
N PRO A 34 3.79 -11.07 -2.12
CA PRO A 34 4.62 -10.20 -2.95
C PRO A 34 4.18 -10.18 -4.43
N LEU A 35 3.61 -11.27 -4.92
CA LEU A 35 3.30 -11.30 -6.35
C LEU A 35 2.19 -10.33 -6.76
N PRO A 36 1.03 -10.34 -6.07
CA PRO A 36 0.04 -9.34 -6.52
C PRO A 36 0.57 -7.89 -6.34
N ARG A 37 1.37 -7.69 -5.30
CA ARG A 37 1.98 -6.39 -5.13
C ARG A 37 2.81 -6.01 -6.35
N LEU A 38 3.74 -6.89 -6.73
CA LEU A 38 4.59 -6.65 -7.89
C LEU A 38 3.77 -6.43 -9.15
N GLN A 39 2.71 -7.22 -9.31
CA GLN A 39 1.98 -7.16 -10.56
C GLN A 39 1.23 -5.86 -10.65
N ASP A 40 0.79 -5.36 -9.50
CA ASP A 40 0.16 -4.06 -9.49
C ASP A 40 1.21 -2.93 -9.67
N TYR A 41 2.44 -3.13 -9.19
CA TYR A 41 3.53 -2.20 -9.53
C TYR A 41 3.67 -2.10 -11.03
N ALA A 42 3.57 -3.26 -11.71
CA ALA A 42 3.76 -3.33 -13.14
C ALA A 42 2.59 -2.72 -13.90
N ALA A 43 1.39 -3.01 -13.44
CA ALA A 43 0.18 -2.49 -14.07
C ALA A 43 0.23 -0.96 -14.16
N GLN A 44 0.81 -0.32 -13.14
CA GLN A 44 0.86 1.16 -13.07
C GLN A 44 1.97 1.73 -13.93
N GLY A 45 2.81 0.87 -14.48
CA GLY A 45 3.75 1.27 -15.52
C GLY A 45 5.21 1.13 -15.19
N ALA A 46 5.53 0.48 -14.08
CA ALA A 46 6.92 0.26 -13.73
C ALA A 46 7.60 -0.56 -14.82
N GLU A 47 8.81 -0.13 -15.17
CA GLU A 47 9.55 -0.74 -16.24
C GLU A 47 10.62 -1.69 -15.73
N VAL A 48 10.98 -1.56 -14.46
CA VAL A 48 11.95 -2.41 -13.80
C VAL A 48 11.48 -2.65 -12.38
N LEU A 49 11.72 -3.83 -11.82
CA LEU A 49 11.43 -4.11 -10.41
C LEU A 49 12.69 -4.52 -9.67
N HIS A 50 12.64 -4.53 -8.33
CA HIS A 50 13.84 -4.81 -7.51
C HIS A 50 13.55 -5.64 -6.26
N LEU A 51 14.14 -6.83 -6.17
CA LEU A 51 13.93 -7.69 -5.00
C LEU A 51 15.20 -7.86 -4.18
N VAL A 52 15.07 -7.88 -2.87
CA VAL A 52 16.18 -8.25 -2.00
C VAL A 52 15.80 -9.49 -1.17
N ASP A 53 16.51 -10.59 -1.43
CA ASP A 53 16.28 -11.84 -0.70
C ASP A 53 17.08 -11.84 0.60
N LEU A 54 16.44 -11.43 1.70
CA LEU A 54 17.14 -11.28 2.96
C LEU A 54 17.42 -12.64 3.59
N THR A 55 16.56 -13.60 3.30
CA THR A 55 16.81 -14.96 3.73
C THR A 55 18.13 -15.49 3.15
N GLY A 56 18.32 -15.30 1.85
CA GLY A 56 19.56 -15.68 1.21
C GLY A 56 20.73 -14.83 1.68
N ALA A 57 20.48 -13.56 1.93
CA ALA A 57 21.53 -12.66 2.42
C ALA A 57 22.06 -13.09 3.79
N LYS A 58 21.19 -13.69 4.60
CA LYS A 58 21.57 -14.16 5.92
C LYS A 58 22.43 -15.40 5.78
N ASP A 59 21.98 -16.31 4.94
CA ASP A 59 22.73 -17.51 4.56
C ASP A 59 22.34 -17.94 3.15
N PRO A 60 23.33 -17.93 2.23
CA PRO A 60 23.20 -18.27 0.81
C PRO A 60 22.72 -19.69 0.51
N ALA A 61 22.92 -20.63 1.44
CA ALA A 61 22.45 -21.99 1.23
C ALA A 61 20.92 -22.02 1.24
N LYS A 62 20.32 -20.98 1.80
CA LYS A 62 18.87 -20.85 1.89
C LYS A 62 18.30 -19.83 0.90
N ARG A 63 19.05 -19.59 -0.17
CA ARG A 63 18.62 -18.75 -1.28
C ARG A 63 17.24 -19.20 -1.75
N GLN A 64 16.30 -18.27 -1.79
CA GLN A 64 14.92 -18.65 -2.07
C GLN A 64 14.65 -18.75 -3.57
N ILE A 65 15.46 -19.57 -4.26
CA ILE A 65 15.32 -19.77 -5.70
C ILE A 65 13.89 -20.05 -6.17
N PRO A 66 13.20 -21.04 -5.57
CA PRO A 66 11.85 -21.30 -6.10
C PRO A 66 10.94 -20.08 -6.02
N LEU A 67 10.99 -19.41 -4.88
CA LEU A 67 10.25 -18.17 -4.70
C LEU A 67 10.56 -17.17 -5.81
N ILE A 68 11.84 -16.85 -5.98
CA ILE A 68 12.28 -15.83 -6.93
C ILE A 68 11.93 -16.20 -8.38
N LYS A 69 12.02 -17.50 -8.69
CA LYS A 69 11.55 -18.02 -9.97
C LYS A 69 10.11 -17.60 -10.17
N THR A 70 9.29 -17.90 -9.17
CA THR A 70 7.87 -17.57 -9.25
C THR A 70 7.61 -16.07 -9.45
N LEU A 71 8.26 -15.25 -8.62
CA LEU A 71 8.08 -13.81 -8.67
C LEU A 71 8.48 -13.23 -10.02
N VAL A 72 9.62 -13.65 -10.57
CA VAL A 72 10.11 -13.18 -11.87
C VAL A 72 9.24 -13.66 -13.03
N ALA A 73 8.71 -14.88 -12.92
CA ALA A 73 7.79 -15.42 -13.92
C ALA A 73 6.43 -14.71 -13.94
N GLY A 74 5.99 -14.28 -12.77
CA GLY A 74 4.70 -13.64 -12.65
C GLY A 74 4.61 -12.23 -13.21
N VAL A 75 5.75 -11.66 -13.59
CA VAL A 75 5.72 -10.34 -14.23
C VAL A 75 6.54 -10.40 -15.50
N ASN A 76 6.20 -9.48 -16.42
CA ASN A 76 6.74 -9.44 -17.75
C ASN A 76 7.67 -8.24 -17.98
N VAL A 77 8.30 -7.79 -16.90
CA VAL A 77 9.29 -6.70 -16.93
C VAL A 77 10.57 -7.18 -16.27
N PRO A 78 11.72 -6.62 -16.63
CA PRO A 78 12.97 -7.08 -16.01
C PRO A 78 13.00 -6.95 -14.48
N VAL A 79 13.65 -7.87 -13.81
CA VAL A 79 13.73 -7.84 -12.35
C VAL A 79 15.16 -7.99 -11.92
N GLN A 80 15.61 -7.10 -11.03
CA GLN A 80 16.94 -7.25 -10.47
C GLN A 80 16.86 -7.70 -9.01
N VAL A 81 17.73 -8.63 -8.64
CA VAL A 81 17.67 -9.26 -7.33
C VAL A 81 19.02 -9.21 -6.62
N GLY A 82 19.00 -8.84 -5.34
CA GLY A 82 20.21 -8.80 -4.54
C GLY A 82 20.01 -9.56 -3.25
N GLY A 83 21.04 -9.56 -2.40
CA GLY A 83 20.93 -10.23 -1.13
C GLY A 83 21.87 -11.41 -1.06
N GLY A 84 23.05 -11.21 -0.50
CA GLY A 84 24.00 -12.30 -0.33
C GLY A 84 24.54 -12.94 -1.59
N VAL A 85 24.72 -12.15 -2.63
CA VAL A 85 25.32 -12.66 -3.83
C VAL A 85 26.84 -12.57 -3.74
N ARG A 86 27.51 -13.66 -3.41
CA ARG A 86 28.95 -13.56 -3.16
C ARG A 86 29.82 -14.62 -3.85
N THR A 87 29.25 -15.38 -4.79
CA THR A 87 30.01 -16.36 -5.57
C THR A 87 29.46 -16.39 -6.99
N GLU A 88 30.26 -16.87 -7.93
CA GLU A 88 29.82 -16.98 -9.31
C GLU A 88 28.59 -17.90 -9.46
N GLU A 89 28.55 -18.95 -8.64
CA GLU A 89 27.46 -19.91 -8.68
C GLU A 89 26.14 -19.22 -8.35
N ASP A 90 26.18 -18.33 -7.37
CA ASP A 90 24.98 -17.62 -6.96
C ASP A 90 24.46 -16.74 -8.09
N VAL A 91 25.37 -16.11 -8.84
CA VAL A 91 25.00 -15.26 -9.95
C VAL A 91 24.35 -16.10 -11.03
N ALA A 92 24.94 -17.26 -11.30
CA ALA A 92 24.39 -18.14 -12.33
C ALA A 92 23.01 -18.66 -11.92
N ALA A 93 22.89 -19.03 -10.65
CA ALA A 93 21.65 -19.56 -10.09
C ALA A 93 20.51 -18.55 -10.21
N LEU A 94 20.80 -17.32 -9.81
CA LEU A 94 19.85 -16.22 -9.91
C LEU A 94 19.46 -15.99 -11.37
N LEU A 95 20.44 -15.94 -12.27
CA LEU A 95 20.11 -15.76 -13.70
C LEU A 95 19.23 -16.91 -14.21
N LYS A 96 19.54 -18.10 -13.72
CA LYS A 96 18.91 -19.32 -14.12
C LYS A 96 17.46 -19.31 -13.63
N ALA A 97 17.22 -18.52 -12.58
CA ALA A 97 15.88 -18.29 -12.02
C ALA A 97 15.05 -17.26 -12.81
N GLY A 98 15.63 -16.66 -13.84
CA GLY A 98 14.95 -15.67 -14.68
C GLY A 98 15.33 -14.22 -14.42
N VAL A 99 16.22 -13.99 -13.48
CA VAL A 99 16.54 -12.65 -13.03
C VAL A 99 17.24 -11.83 -14.13
N ALA A 100 16.89 -10.56 -14.31
CA ALA A 100 17.45 -9.83 -15.44
C ALA A 100 18.82 -9.23 -15.09
N ARG A 101 19.00 -8.90 -13.81
CA ARG A 101 20.29 -8.40 -13.34
C ARG A 101 20.52 -8.83 -11.92
N VAL A 102 21.76 -9.14 -11.60
CA VAL A 102 22.11 -9.55 -10.24
C VAL A 102 22.80 -8.39 -9.52
N VAL A 103 22.38 -8.11 -8.30
CA VAL A 103 22.94 -7.01 -7.54
C VAL A 103 23.97 -7.57 -6.59
N ILE A 104 25.22 -7.14 -6.77
CA ILE A 104 26.32 -7.66 -5.99
C ILE A 104 26.69 -6.73 -4.84
N ALA A 105 27.05 -7.30 -3.71
CA ALA A 105 27.31 -6.50 -2.53
C ALA A 105 28.79 -6.26 -2.29
N SER A 106 29.15 -6.25 -1.01
CA SER A 106 30.49 -5.93 -0.52
C SER A 106 31.61 -6.76 -1.15
N THR A 107 31.27 -7.85 -1.79
CA THR A 107 32.28 -8.68 -2.44
C THR A 107 33.04 -7.88 -3.50
N ALA A 108 32.28 -7.07 -4.25
CA ALA A 108 32.86 -6.24 -5.29
C ALA A 108 33.79 -5.20 -4.71
N VAL A 109 33.68 -5.00 -3.40
CA VAL A 109 34.61 -4.13 -2.69
C VAL A 109 35.84 -4.93 -2.24
N LYS A 110 35.61 -6.15 -1.75
CA LYS A 110 36.69 -6.91 -1.13
C LYS A 110 37.53 -7.72 -2.12
N SER A 111 36.89 -8.26 -3.17
CA SER A 111 37.53 -9.22 -4.07
C SER A 111 37.47 -8.83 -5.55
N PRO A 112 38.18 -7.77 -5.93
CA PRO A 112 38.07 -7.26 -7.30
C PRO A 112 38.41 -8.25 -8.42
N ASP A 113 39.33 -9.18 -8.19
CA ASP A 113 39.73 -10.04 -9.31
C ASP A 113 38.66 -11.08 -9.63
N VAL A 114 38.11 -11.68 -8.57
CA VAL A 114 36.97 -12.56 -8.71
C VAL A 114 35.84 -11.88 -9.49
N VAL A 115 35.36 -10.77 -8.92
CA VAL A 115 34.23 -10.03 -9.46
C VAL A 115 34.48 -9.55 -10.89
N LYS A 116 35.73 -9.12 -11.18
CA LYS A 116 36.11 -8.85 -12.57
C LYS A 116 35.84 -10.08 -13.45
N GLY A 117 36.18 -11.25 -12.93
CA GLY A 117 35.87 -12.48 -13.66
C GLY A 117 34.38 -12.64 -13.96
N TRP A 118 33.54 -12.40 -12.96
CA TRP A 118 32.09 -12.43 -13.16
C TRP A 118 31.68 -11.50 -14.30
N PHE A 119 32.19 -10.26 -14.29
CA PHE A 119 31.93 -9.34 -15.41
C PHE A 119 32.35 -9.95 -16.77
N GLU A 120 33.52 -10.57 -16.81
CA GLU A 120 34.03 -11.07 -18.07
C GLU A 120 33.18 -12.19 -18.62
N ARG A 121 32.70 -13.06 -17.74
CA ARG A 121 31.80 -14.13 -18.17
C ARG A 121 30.35 -13.67 -18.47
N PHE A 122 29.68 -13.04 -17.49
CA PHE A 122 28.26 -12.71 -17.61
C PHE A 122 28.00 -11.44 -18.41
N GLY A 123 28.99 -10.56 -18.46
CA GLY A 123 28.82 -9.27 -19.11
C GLY A 123 28.25 -8.22 -18.17
N ALA A 124 28.49 -6.97 -18.50
CA ALA A 124 28.23 -5.87 -17.56
C ALA A 124 26.74 -5.49 -17.53
N GLN A 125 26.01 -5.82 -18.59
CA GLN A 125 24.61 -5.50 -18.66
C GLN A 125 23.82 -6.36 -17.68
N ALA A 126 24.45 -7.43 -17.19
CA ALA A 126 23.77 -8.34 -16.28
C ALA A 126 24.09 -8.06 -14.82
N LEU A 127 24.99 -7.12 -14.55
CA LEU A 127 25.42 -6.93 -13.17
C LEU A 127 25.19 -5.52 -12.67
N VAL A 128 24.90 -5.41 -11.38
CA VAL A 128 24.76 -4.14 -10.68
C VAL A 128 25.65 -4.14 -9.44
N LEU A 129 26.55 -3.15 -9.30
CA LEU A 129 27.36 -3.06 -8.08
C LEU A 129 26.70 -2.17 -7.02
N ALA A 130 26.40 -2.75 -5.86
CA ALA A 130 25.75 -2.00 -4.80
C ALA A 130 26.76 -1.43 -3.81
N LEU A 131 26.77 -0.11 -3.67
CA LEU A 131 27.74 0.60 -2.81
C LEU A 131 27.07 1.51 -1.80
N ASP A 132 27.41 1.30 -0.52
CA ASP A 132 27.05 2.27 0.50
C ASP A 132 28.15 3.30 0.52
N VAL A 133 27.76 4.55 0.28
CA VAL A 133 28.69 5.66 0.20
C VAL A 133 28.60 6.55 1.43
N ARG A 134 29.76 6.82 2.04
CA ARG A 134 29.88 7.73 3.18
C ARG A 134 30.65 8.96 2.73
N ILE A 135 30.08 10.15 2.92
CA ILE A 135 30.89 11.35 2.81
C ILE A 135 31.46 11.65 4.20
N ASP A 136 32.80 11.62 4.30
CA ASP A 136 33.47 11.81 5.59
C ASP A 136 33.73 13.29 5.88
N GLU A 137 34.31 13.54 7.06
CA GLU A 137 34.69 14.89 7.50
C GLU A 137 35.33 15.69 6.38
N HIS A 138 36.30 15.05 5.73
CA HIS A 138 37.12 15.68 4.69
C HIS A 138 36.38 15.93 3.37
N GLY A 139 35.34 15.16 3.08
CA GLY A 139 34.60 15.35 1.85
C GLY A 139 35.02 14.35 0.78
N THR A 140 35.60 13.25 1.22
CA THR A 140 35.87 12.14 0.32
C THR A 140 34.67 11.19 0.31
N LYS A 141 34.25 10.79 -0.90
CA LYS A 141 33.24 9.74 -1.08
C LYS A 141 33.86 8.35 -0.87
N GLN A 142 33.65 7.76 0.30
CA GLN A 142 34.22 6.46 0.62
C GLN A 142 33.17 5.36 0.51
N VAL A 143 33.62 4.12 0.35
CA VAL A 143 32.73 2.98 0.08
C VAL A 143 32.75 1.98 1.23
N ALA A 144 31.59 1.80 1.86
CA ALA A 144 31.48 0.99 3.09
C ALA A 144 31.82 -0.51 3.00
N VAL A 145 31.58 -1.18 4.12
CA VAL A 145 31.81 -2.62 4.31
C VAL A 145 30.47 -3.34 4.52
N VAL A 154 38.37 2.45 1.01
CA VAL A 154 38.31 2.49 -0.46
C VAL A 154 37.31 3.56 -0.94
N SER A 155 37.74 4.39 -1.89
CA SER A 155 36.89 5.49 -2.37
C SER A 155 36.03 5.10 -3.56
N LEU A 156 35.02 5.92 -3.87
CA LEU A 156 34.18 5.65 -5.03
C LEU A 156 35.02 5.60 -6.28
N GLU A 157 35.88 6.61 -6.40
CA GLU A 157 36.72 6.76 -7.57
C GLU A 157 37.57 5.53 -7.80
N GLN A 158 38.16 5.02 -6.73
CA GLN A 158 39.02 3.85 -6.80
C GLN A 158 38.27 2.66 -7.36
N LEU A 159 37.04 2.48 -6.91
CA LEU A 159 36.21 1.37 -7.32
C LEU A 159 35.85 1.47 -8.79
N VAL A 160 35.41 2.66 -9.16
CA VAL A 160 35.09 2.92 -10.56
C VAL A 160 36.31 2.61 -11.44
N GLU A 161 37.51 2.98 -10.98
CA GLU A 161 38.71 2.62 -11.72
C GLU A 161 38.88 1.11 -11.81
N THR A 162 38.72 0.41 -10.69
CA THR A 162 38.91 -1.04 -10.69
C THR A 162 38.05 -1.72 -11.74
N TYR A 163 36.84 -1.21 -11.96
CA TYR A 163 35.88 -1.93 -12.79
C TYR A 163 35.58 -1.31 -14.17
N LEU A 164 36.07 -0.12 -14.48
CA LEU A 164 35.96 0.43 -15.85
C LEU A 164 36.53 -0.47 -17.00
N PRO A 165 37.71 -1.11 -16.79
CA PRO A 165 38.26 -2.03 -17.80
C PRO A 165 37.36 -3.24 -18.19
N VAL A 166 36.41 -3.58 -17.32
CA VAL A 166 35.51 -4.67 -17.60
C VAL A 166 34.10 -4.19 -17.90
N GLY A 167 33.96 -2.91 -18.23
CA GLY A 167 32.73 -2.39 -18.79
C GLY A 167 31.62 -1.98 -17.81
N LEU A 168 32.01 -1.69 -16.57
CA LEU A 168 31.09 -1.30 -15.50
C LEU A 168 30.05 -0.35 -16.05
N LYS A 169 28.78 -0.61 -15.73
CA LYS A 169 27.66 0.14 -16.29
C LYS A 169 26.58 0.53 -15.28
N HIS A 170 26.34 -0.33 -14.30
CA HIS A 170 25.26 -0.13 -13.35
C HIS A 170 25.75 -0.10 -11.92
N VAL A 171 25.54 1.03 -11.25
CA VAL A 171 25.83 1.12 -9.84
C VAL A 171 24.57 1.52 -9.05
N LEU A 172 24.34 0.81 -7.94
CA LEU A 172 23.28 1.13 -7.00
C LEU A 172 23.91 1.83 -5.83
N CYS A 173 23.57 3.09 -5.66
CA CYS A 173 24.18 3.92 -4.65
C CYS A 173 23.24 4.19 -3.47
N THR A 174 23.62 3.72 -2.29
CA THR A 174 22.89 4.14 -1.11
C THR A 174 23.77 5.12 -0.32
N ASP A 175 23.26 6.32 -0.09
CA ASP A 175 24.06 7.28 0.67
C ASP A 175 23.64 7.09 2.13
N ILE A 176 24.63 6.86 2.98
CA ILE A 176 24.40 6.58 4.40
C ILE A 176 25.04 7.67 5.27
N SER A 177 25.27 8.83 4.65
CA SER A 177 25.86 9.98 5.31
C SER A 177 24.86 11.14 5.26
N ASN A 186 21.77 15.87 -0.15
CA ASN A 186 21.71 14.52 -0.72
C ASN A 186 21.69 14.59 -2.23
N VAL A 187 20.98 15.57 -2.76
CA VAL A 187 20.91 15.83 -4.19
C VAL A 187 22.31 16.08 -4.81
N SER A 188 23.12 16.87 -4.12
CA SER A 188 24.40 17.35 -4.64
C SER A 188 25.46 16.28 -4.93
N LEU A 189 25.61 15.31 -4.03
CA LEU A 189 26.41 14.11 -4.27
C LEU A 189 26.07 13.51 -5.64
N TYR A 190 24.80 13.17 -5.82
CA TYR A 190 24.35 12.58 -7.07
C TYR A 190 24.65 13.51 -8.23
N GLU A 191 24.47 14.82 -8.04
CA GLU A 191 24.73 15.73 -9.15
C GLU A 191 26.19 15.59 -9.58
N GLU A 192 27.10 15.67 -8.61
CA GLU A 192 28.55 15.60 -8.87
C GLU A 192 28.98 14.27 -9.49
N VAL A 193 28.69 13.16 -8.82
CA VAL A 193 29.13 11.86 -9.34
C VAL A 193 28.47 11.52 -10.68
N CYS A 194 27.22 11.89 -10.89
CA CYS A 194 26.60 11.62 -12.18
C CYS A 194 27.28 12.42 -13.26
N ALA A 195 27.73 13.63 -12.92
CA ALA A 195 28.49 14.46 -13.86
C ALA A 195 29.90 13.90 -14.14
N ARG A 196 30.55 13.35 -13.11
CA ARG A 196 31.92 12.83 -13.20
C ARG A 196 31.97 11.54 -14.00
N TYR A 197 30.91 10.74 -13.89
CA TYR A 197 30.91 9.42 -14.49
C TYR A 197 29.70 9.26 -15.41
N PRO A 198 29.72 9.95 -16.54
CA PRO A 198 28.60 9.89 -17.51
C PRO A 198 28.41 8.50 -18.14
N GLN A 199 29.31 7.55 -17.91
CA GLN A 199 29.23 6.23 -18.54
C GLN A 199 28.55 5.25 -17.59
N ILE A 200 28.41 5.68 -16.34
CA ILE A 200 27.72 4.89 -15.35
C ILE A 200 26.28 5.35 -15.20
N ALA A 201 25.36 4.38 -15.21
CA ALA A 201 23.96 4.63 -14.89
C ALA A 201 23.74 4.47 -13.41
N PHE A 202 23.56 5.58 -12.70
CA PHE A 202 23.37 5.47 -11.26
C PHE A 202 21.92 5.25 -10.81
N GLN A 203 21.77 4.41 -9.79
CA GLN A 203 20.49 4.20 -9.13
C GLN A 203 20.57 4.70 -7.69
N SER A 204 19.66 5.60 -7.30
CA SER A 204 19.63 6.01 -5.89
C SER A 204 18.67 5.11 -5.12
N SER A 205 19.07 4.76 -3.90
CA SER A 205 18.27 3.97 -3.00
C SER A 205 18.24 4.69 -1.65
N GLY A 206 17.11 4.60 -0.94
CA GLY A 206 16.97 5.28 0.35
C GLY A 206 16.75 6.78 0.25
N GLY A 207 16.40 7.42 1.35
CA GLY A 207 16.14 8.85 1.30
C GLY A 207 14.80 9.24 0.70
N ILE A 208 14.00 8.25 0.28
CA ILE A 208 12.68 8.55 -0.26
C ILE A 208 11.62 8.46 0.84
N GLY A 209 10.89 9.56 1.04
CA GLY A 209 9.84 9.58 2.04
C GLY A 209 8.54 10.14 1.50
N ASP A 210 8.61 10.97 0.46
CA ASP A 210 7.41 11.47 -0.18
C ASP A 210 7.67 11.84 -1.65
N ILE A 211 6.62 12.20 -2.37
CA ILE A 211 6.72 12.48 -3.79
C ILE A 211 7.76 13.58 -4.09
N ASP A 212 7.98 14.44 -3.11
CA ASP A 212 8.90 15.57 -3.29
C ASP A 212 10.37 15.10 -3.38
N ASP A 213 10.77 14.13 -2.56
CA ASP A 213 12.07 13.48 -2.71
C ASP A 213 12.28 12.94 -4.12
N ILE A 214 11.22 12.45 -4.74
CA ILE A 214 11.36 11.95 -6.10
C ILE A 214 11.61 13.13 -7.02
N ALA A 215 10.82 14.20 -6.85
CA ALA A 215 11.00 15.44 -7.64
C ALA A 215 12.41 16.02 -7.54
N ALA A 216 12.96 15.95 -6.34
CA ALA A 216 14.27 16.46 -6.01
C ALA A 216 15.36 15.82 -6.85
N LEU A 217 15.32 14.49 -6.98
CA LEU A 217 16.33 13.72 -7.70
C LEU A 217 16.15 13.80 -9.21
N ARG A 218 15.13 14.52 -9.64
CA ARG A 218 14.71 14.38 -11.01
C ARG A 218 15.80 14.82 -11.98
N GLY A 219 16.35 16.01 -11.79
CA GLY A 219 17.32 16.52 -12.75
C GLY A 219 18.80 16.28 -12.43
N THR A 220 19.07 15.41 -11.48
CA THR A 220 20.41 15.23 -10.96
C THR A 220 21.34 14.45 -11.91
N GLY A 221 20.76 13.74 -12.87
CA GLY A 221 21.50 12.88 -13.77
C GLY A 221 21.34 11.42 -13.39
N VAL A 222 20.83 11.19 -12.18
CA VAL A 222 20.47 9.85 -11.71
C VAL A 222 19.51 9.20 -12.71
N ARG A 223 19.73 7.91 -12.99
CA ARG A 223 19.00 7.25 -14.06
C ARG A 223 17.82 6.44 -13.54
N GLY A 224 17.97 5.88 -12.35
CA GLY A 224 16.92 5.08 -11.74
C GLY A 224 16.79 5.32 -10.24
N VAL A 225 15.56 5.39 -9.75
CA VAL A 225 15.31 5.61 -8.34
C VAL A 225 14.65 4.38 -7.67
N ILE A 226 15.33 3.78 -6.71
CA ILE A 226 14.76 2.68 -5.96
C ILE A 226 13.76 3.19 -4.96
N VAL A 227 12.52 2.72 -5.05
CA VAL A 227 11.47 3.13 -4.12
C VAL A 227 10.87 1.91 -3.45
N GLY A 228 10.91 1.89 -2.12
CA GLY A 228 10.37 0.77 -1.37
C GLY A 228 9.33 1.17 -0.33
N ARG A 229 9.83 1.47 0.86
CA ARG A 229 9.09 1.91 2.04
C ARG A 229 7.92 2.86 1.75
N ALA A 230 8.17 3.91 0.98
CA ALA A 230 7.12 4.89 0.69
C ALA A 230 5.91 4.21 0.06
N LEU A 231 6.15 3.19 -0.75
CA LEU A 231 5.05 2.53 -1.41
C LEU A 231 4.24 1.71 -0.42
N LEU A 232 4.92 0.96 0.44
CA LEU A 232 4.21 0.14 1.41
C LEU A 232 3.44 1.01 2.39
N GLU A 233 3.94 2.21 2.61
CA GLU A 233 3.36 3.10 3.59
C GLU A 233 2.20 3.90 3.02
N GLY A 234 2.02 3.83 1.71
CA GLY A 234 0.90 4.50 1.08
C GLY A 234 1.03 6.00 0.90
N LYS A 235 2.26 6.50 0.85
CA LYS A 235 2.44 7.93 0.68
C LYS A 235 1.99 8.27 -0.72
N PHE A 236 2.36 7.41 -1.67
CA PHE A 236 1.94 7.58 -3.06
C PHE A 236 1.89 6.23 -3.75
N THR A 237 1.37 6.26 -4.98
CA THR A 237 1.28 5.07 -5.77
C THR A 237 2.35 5.16 -6.84
N VAL A 238 2.71 4.01 -7.42
CA VAL A 238 3.72 3.96 -8.47
C VAL A 238 3.32 4.86 -9.64
N LYS A 239 2.02 4.91 -9.96
CA LYS A 239 1.56 5.82 -11.02
C LYS A 239 1.91 7.28 -10.69
N GLU A 240 1.73 7.67 -9.43
CA GLU A 240 2.09 9.02 -9.03
C GLU A 240 3.62 9.26 -9.12
N ALA A 241 4.42 8.33 -8.60
CA ALA A 241 5.88 8.42 -8.69
C ALA A 241 6.32 8.63 -10.11
N ILE A 242 5.73 7.85 -11.02
CA ILE A 242 6.10 7.92 -12.43
C ILE A 242 5.68 9.27 -13.00
N GLN A 243 4.46 9.71 -12.69
CA GLN A 243 4.00 11.04 -13.13
C GLN A 243 5.01 12.13 -12.74
N CME A 244 5.49 12.05 -11.51
CA CME A 244 6.43 13.01 -10.98
CB CME A 244 6.73 12.80 -9.49
SG CME A 244 7.70 14.06 -8.73
SD CME A 244 6.66 15.85 -9.11
CE CME A 244 5.57 16.16 -7.75
CZ CME A 244 6.30 16.72 -6.55
OH CME A 244 6.93 17.93 -6.95
C CME A 244 7.74 12.94 -11.76
O CME A 244 8.11 13.82 -12.55
N TRP A 245 8.46 11.84 -11.54
CA TRP A 245 9.76 11.57 -12.14
C TRP A 245 9.81 11.79 -13.64
N GLN A 246 8.81 11.29 -14.36
CA GLN A 246 8.83 11.41 -15.82
C GLN A 246 8.36 12.78 -16.29
N ASN A 247 8.21 13.72 -15.36
CA ASN A 247 7.67 15.07 -15.64
C ASN A 247 6.58 15.10 -16.71
N MET B 1 -19.70 5.13 -6.09
CA MET B 1 -18.51 5.68 -5.48
C MET B 1 -17.68 4.61 -4.82
N ILE B 2 -16.37 4.71 -5.04
CA ILE B 2 -15.37 3.98 -4.30
C ILE B 2 -15.17 4.72 -2.99
N ILE B 3 -15.29 4.00 -1.88
CA ILE B 3 -15.09 4.54 -0.53
C ILE B 3 -13.91 3.86 0.16
N PRO B 4 -12.70 4.46 0.08
CA PRO B 4 -11.53 3.83 0.70
C PRO B 4 -11.67 3.82 2.21
N ALA B 5 -11.07 2.87 2.90
CA ALA B 5 -11.38 2.69 4.31
C ALA B 5 -10.21 2.21 5.17
N LEU B 6 -10.09 2.75 6.38
CA LEU B 6 -9.05 2.36 7.33
C LEU B 6 -9.62 1.90 8.66
N ASP B 7 -9.08 0.82 9.21
CA ASP B 7 -9.44 0.41 10.56
C ASP B 7 -8.37 0.86 11.54
N LEU B 8 -8.79 1.52 12.61
CA LEU B 8 -7.86 2.10 13.56
C LEU B 8 -7.95 1.48 14.95
N ILE B 9 -6.82 0.95 15.41
CA ILE B 9 -6.64 0.64 16.82
C ILE B 9 -5.58 1.58 17.34
N GLY B 10 -5.98 2.53 18.16
CA GLY B 10 -5.09 3.61 18.53
C GLY B 10 -4.70 4.32 17.26
N ASP B 11 -3.41 4.61 17.13
CA ASP B 11 -2.90 5.33 15.98
C ASP B 11 -2.52 4.39 14.84
N THR B 12 -2.92 3.13 14.97
CA THR B 12 -2.41 2.05 14.15
C THR B 12 -3.39 1.50 13.12
N VAL B 13 -3.01 1.59 11.85
CA VAL B 13 -3.81 1.02 10.78
C VAL B 13 -3.72 -0.49 10.89
N VAL B 14 -4.85 -1.16 11.01
CA VAL B 14 -4.85 -2.59 11.15
C VAL B 14 -5.85 -3.35 10.29
N ARG B 15 -5.54 -4.62 10.07
CA ARG B 15 -6.40 -5.50 9.32
C ARG B 15 -7.04 -6.35 10.38
N VAL B 16 -8.35 -6.32 10.48
CA VAL B 16 -9.01 -7.09 11.51
C VAL B 16 -9.79 -8.29 11.00
N VAL B 17 -9.91 -9.27 11.86
CA VAL B 17 -10.63 -10.50 11.56
C VAL B 17 -12.01 -10.46 12.21
N ARG B 26 -7.01 -8.79 16.01
CA ARG B 26 -6.13 -8.28 14.95
C ARG B 26 -5.38 -9.41 14.25
N GLN B 27 -5.14 -9.22 12.96
CA GLN B 27 -4.30 -10.14 12.21
C GLN B 27 -3.05 -9.42 11.72
N ARG B 28 -3.21 -8.20 11.21
CA ARG B 28 -2.03 -7.50 10.72
C ARG B 28 -2.01 -5.99 10.99
N ASP B 29 -0.79 -5.49 11.09
CA ASP B 29 -0.44 -4.12 11.45
C ASP B 29 0.26 -3.43 10.25
N TYR B 30 -0.24 -2.29 9.81
CA TYR B 30 0.30 -1.65 8.60
C TYR B 30 0.88 -0.25 8.85
N GLY B 31 1.19 0.07 10.10
CA GLY B 31 1.82 1.34 10.39
C GLY B 31 0.99 2.35 11.16
N ASN B 32 1.53 3.55 11.29
CA ASN B 32 0.91 4.58 12.11
C ASN B 32 0.84 5.90 11.38
N ASP B 33 0.64 5.81 10.07
CA ASP B 33 0.50 6.99 9.24
C ASP B 33 -0.88 7.03 8.56
N PRO B 34 -1.96 7.11 9.36
CA PRO B 34 -3.24 7.16 8.62
C PRO B 34 -3.42 8.43 7.81
N LEU B 35 -2.83 9.54 8.21
CA LEU B 35 -3.09 10.77 7.46
C LEU B 35 -2.47 10.77 6.06
N PRO B 36 -1.17 10.45 5.93
CA PRO B 36 -0.69 10.43 4.54
C PRO B 36 -1.40 9.36 3.68
N ARG B 37 -1.78 8.23 4.29
CA ARG B 37 -2.57 7.24 3.57
C ARG B 37 -3.88 7.83 3.06
N LEU B 38 -4.63 8.46 3.95
CA LEU B 38 -5.89 9.05 3.56
C LEU B 38 -5.69 10.09 2.48
N GLN B 39 -4.64 10.87 2.61
CA GLN B 39 -4.43 11.98 1.70
C GLN B 39 -4.07 11.47 0.34
N ASP B 40 -3.34 10.36 0.29
CA ASP B 40 -3.09 9.74 -0.99
C ASP B 40 -4.37 9.07 -1.54
N TYR B 41 -5.22 8.55 -0.65
CA TYR B 41 -6.56 8.13 -1.10
C TYR B 41 -7.31 9.30 -1.78
N ALA B 42 -7.23 10.49 -1.20
CA ALA B 42 -7.94 11.63 -1.76
C ALA B 42 -7.30 12.18 -3.03
N ALA B 43 -5.97 12.24 -3.05
CA ALA B 43 -5.24 12.74 -4.20
C ALA B 43 -5.64 11.97 -5.44
N GLN B 44 -5.90 10.67 -5.28
CA GLN B 44 -6.26 9.77 -6.38
C GLN B 44 -7.72 9.90 -6.81
N GLY B 45 -8.50 10.65 -6.06
CA GLY B 45 -9.83 11.01 -6.53
C GLY B 45 -10.98 10.49 -5.71
N ALA B 46 -10.71 9.94 -4.53
CA ALA B 46 -11.78 9.47 -3.68
C ALA B 46 -12.69 10.64 -3.28
N GLU B 47 -14.00 10.40 -3.33
CA GLU B 47 -14.99 11.45 -3.06
C GLU B 47 -15.49 11.39 -1.63
N VAL B 48 -15.34 10.21 -1.01
CA VAL B 48 -15.74 9.91 0.34
C VAL B 48 -14.68 9.02 0.98
N LEU B 49 -14.40 9.16 2.27
CA LEU B 49 -13.53 8.21 2.98
C LEU B 49 -14.28 7.53 4.12
N HIS B 50 -13.72 6.46 4.70
CA HIS B 50 -14.42 5.71 5.77
C HIS B 50 -13.52 5.22 6.89
N LEU B 51 -13.72 5.70 8.11
CA LEU B 51 -12.90 5.30 9.25
C LEU B 51 -13.66 4.45 10.24
N VAL B 52 -13.01 3.44 10.79
CA VAL B 52 -13.55 2.63 11.88
C VAL B 52 -12.66 2.68 13.11
N ASP B 53 -13.16 3.33 14.17
CA ASP B 53 -12.40 3.49 15.41
C ASP B 53 -12.58 2.28 16.30
N LEU B 54 -11.65 1.34 16.23
CA LEU B 54 -11.79 0.09 16.98
C LEU B 54 -11.47 0.28 18.46
N THR B 55 -10.60 1.24 18.79
CA THR B 55 -10.37 1.57 20.20
C THR B 55 -11.67 2.03 20.88
N GLY B 56 -12.37 2.95 20.22
CA GLY B 56 -13.66 3.44 20.69
C GLY B 56 -14.73 2.36 20.63
N ALA B 57 -14.67 1.51 19.61
CA ALA B 57 -15.63 0.42 19.46
C ALA B 57 -15.55 -0.55 20.62
N LYS B 58 -14.34 -0.69 21.16
CA LYS B 58 -14.13 -1.56 22.31
C LYS B 58 -14.61 -0.88 23.59
N ASP B 59 -14.26 0.39 23.76
CA ASP B 59 -14.71 1.14 24.93
C ASP B 59 -14.86 2.63 24.60
N PRO B 60 -16.10 3.13 24.64
CA PRO B 60 -16.48 4.52 24.30
C PRO B 60 -15.82 5.59 25.18
N ALA B 61 -15.42 5.23 26.39
CA ALA B 61 -14.75 6.17 27.27
C ALA B 61 -13.38 6.54 26.71
N LYS B 62 -12.84 5.64 25.88
CA LYS B 62 -11.53 5.83 25.27
C LYS B 62 -11.62 6.11 23.77
N ARG B 63 -12.79 6.59 23.32
CA ARG B 63 -13.00 7.01 21.94
C ARG B 63 -11.96 8.06 21.51
N GLN B 64 -11.31 7.82 20.37
CA GLN B 64 -10.17 8.64 19.96
C GLN B 64 -10.51 9.95 19.25
N ILE B 65 -11.36 10.78 19.88
CA ILE B 65 -11.76 12.06 19.30
C ILE B 65 -10.59 12.94 18.79
N PRO B 66 -9.55 13.17 19.62
CA PRO B 66 -8.47 14.04 19.10
C PRO B 66 -7.86 13.53 17.79
N LEU B 67 -7.54 12.25 17.76
CA LEU B 67 -7.05 11.60 16.56
C LEU B 67 -7.97 11.88 15.36
N ILE B 68 -9.26 11.52 15.52
CA ILE B 68 -10.23 11.62 14.43
C ILE B 68 -10.39 13.07 13.94
N LYS B 69 -10.32 14.02 14.87
CA LYS B 69 -10.27 15.43 14.53
C LYS B 69 -9.16 15.69 13.53
N THR B 70 -7.97 15.23 13.88
CA THR B 70 -6.81 15.40 13.00
C THR B 70 -7.03 14.78 11.62
N LEU B 71 -7.49 13.53 11.61
CA LEU B 71 -7.72 12.83 10.36
C LEU B 71 -8.75 13.52 9.44
N VAL B 72 -9.91 13.91 9.97
CA VAL B 72 -10.92 14.58 9.14
C VAL B 72 -10.50 16.01 8.72
N ALA B 73 -9.73 16.68 9.58
CA ALA B 73 -9.21 18.01 9.27
C ALA B 73 -8.20 17.94 8.13
N GLY B 74 -7.45 16.85 8.09
CA GLY B 74 -6.41 16.67 7.10
C GLY B 74 -6.82 16.36 5.68
N VAL B 75 -8.10 16.09 5.42
CA VAL B 75 -8.57 15.90 4.04
C VAL B 75 -9.76 16.78 3.80
N ASN B 76 -9.99 17.08 2.53
CA ASN B 76 -11.01 18.05 2.17
C ASN B 76 -12.24 17.38 1.50
N VAL B 77 -12.46 16.12 1.85
CA VAL B 77 -13.61 15.35 1.37
C VAL B 77 -14.37 14.83 2.58
N PRO B 78 -15.66 14.56 2.42
CA PRO B 78 -16.44 14.04 3.55
C PRO B 78 -15.93 12.71 4.12
N VAL B 79 -16.00 12.53 5.43
CA VAL B 79 -15.53 11.30 6.07
C VAL B 79 -16.59 10.70 6.96
N GLN B 80 -16.86 9.41 6.80
CA GLN B 80 -17.77 8.74 7.71
C GLN B 80 -17.01 7.82 8.66
N VAL B 81 -17.42 7.87 9.93
CA VAL B 81 -16.70 7.17 10.98
C VAL B 81 -17.63 6.28 11.80
N GLY B 82 -17.19 5.04 12.04
CA GLY B 82 -17.94 4.12 12.87
C GLY B 82 -17.10 3.53 13.98
N GLY B 83 -17.71 2.63 14.75
CA GLY B 83 -17.02 1.96 15.83
C GLY B 83 -17.57 2.26 17.21
N GLY B 84 -18.48 1.40 17.67
CA GLY B 84 -19.03 1.50 19.02
C GLY B 84 -19.83 2.76 19.30
N VAL B 85 -20.55 3.23 18.29
CA VAL B 85 -21.42 4.39 18.45
C VAL B 85 -22.77 3.92 19.00
N ARG B 86 -22.99 4.10 20.29
CA ARG B 86 -24.15 3.48 20.92
C ARG B 86 -24.99 4.49 21.68
N THR B 87 -24.65 5.77 21.56
CA THR B 87 -25.40 6.75 22.31
C THR B 87 -25.46 8.07 21.56
N GLU B 88 -26.44 8.90 21.89
CA GLU B 88 -26.57 10.20 21.26
C GLU B 88 -25.31 11.07 21.44
N GLU B 89 -24.68 10.92 22.61
CA GLU B 89 -23.48 11.65 22.95
C GLU B 89 -22.36 11.36 21.96
N ASP B 90 -22.17 10.09 21.61
CA ASP B 90 -21.13 9.77 20.63
C ASP B 90 -21.43 10.38 19.27
N VAL B 91 -22.70 10.40 18.88
CA VAL B 91 -23.05 10.93 17.57
C VAL B 91 -22.68 12.41 17.55
N ALA B 92 -23.01 13.10 18.63
CA ALA B 92 -22.70 14.53 18.73
C ALA B 92 -21.19 14.79 18.79
N ALA B 93 -20.48 13.96 19.55
CA ALA B 93 -19.05 14.07 19.70
C ALA B 93 -18.34 13.94 18.36
N LEU B 94 -18.68 12.87 17.64
CA LEU B 94 -18.11 12.61 16.34
C LEU B 94 -18.43 13.73 15.37
N LEU B 95 -19.69 14.18 15.35
CA LEU B 95 -20.03 15.28 14.45
C LEU B 95 -19.22 16.53 14.77
N LYS B 96 -18.97 16.77 16.06
CA LYS B 96 -18.22 17.93 16.52
C LYS B 96 -16.76 17.80 16.15
N ALA B 97 -16.33 16.55 15.95
CA ALA B 97 -14.96 16.26 15.52
C ALA B 97 -14.78 16.54 14.05
N GLY B 98 -15.86 16.92 13.37
CA GLY B 98 -15.78 17.24 11.95
C GLY B 98 -16.32 16.17 11.02
N VAL B 99 -16.78 15.05 11.58
CA VAL B 99 -17.18 13.91 10.78
C VAL B 99 -18.45 14.22 9.99
N ALA B 100 -18.55 13.77 8.74
CA ALA B 100 -19.66 14.14 7.88
C ALA B 100 -20.87 13.23 8.06
N ARG B 101 -20.63 11.98 8.44
CA ARG B 101 -21.69 11.02 8.72
C ARG B 101 -21.19 10.07 9.80
N VAL B 102 -22.07 9.65 10.68
CA VAL B 102 -21.75 8.71 11.76
C VAL B 102 -22.32 7.33 11.46
N VAL B 103 -21.53 6.28 11.66
CA VAL B 103 -21.95 4.91 11.34
C VAL B 103 -22.39 4.18 12.58
N ILE B 104 -23.65 3.76 12.60
CA ILE B 104 -24.24 3.14 13.78
C ILE B 104 -24.29 1.61 13.65
N ALA B 105 -24.08 0.91 14.77
CA ALA B 105 -24.02 -0.54 14.75
C ALA B 105 -25.31 -1.19 15.22
N SER B 106 -25.15 -2.29 15.96
CA SER B 106 -26.25 -3.11 16.47
C SER B 106 -27.28 -2.37 17.31
N THR B 107 -26.94 -1.18 17.79
CA THR B 107 -27.88 -0.43 18.61
C THR B 107 -29.17 -0.18 17.80
N ALA B 108 -29.00 0.22 16.55
CA ALA B 108 -30.12 0.48 15.64
C ALA B 108 -30.92 -0.78 15.35
N VAL B 109 -30.35 -1.93 15.70
CA VAL B 109 -31.07 -3.19 15.60
C VAL B 109 -31.84 -3.46 16.90
N LYS B 110 -31.21 -3.20 18.04
CA LYS B 110 -31.83 -3.62 19.31
C LYS B 110 -32.76 -2.57 19.90
N SER B 111 -32.38 -1.31 19.73
CA SER B 111 -33.04 -0.24 20.45
C SER B 111 -33.58 0.83 19.52
N PRO B 112 -34.58 0.47 18.70
CA PRO B 112 -35.07 1.35 17.64
C PRO B 112 -35.61 2.70 18.10
N ASP B 113 -36.20 2.79 19.28
CA ASP B 113 -36.86 4.05 19.64
C ASP B 113 -35.82 5.16 19.88
N VAL B 114 -34.77 4.79 20.59
CA VAL B 114 -33.61 5.65 20.77
C VAL B 114 -33.04 6.18 19.46
N VAL B 115 -32.64 5.24 18.60
CA VAL B 115 -32.00 5.56 17.34
C VAL B 115 -32.92 6.42 16.47
N LYS B 116 -34.21 6.10 16.48
CA LYS B 116 -35.22 6.93 15.82
C LYS B 116 -35.08 8.38 16.35
N GLY B 117 -34.86 8.51 17.65
CA GLY B 117 -34.59 9.82 18.21
C GLY B 117 -33.37 10.49 17.59
N TRP B 118 -32.29 9.73 17.44
CA TRP B 118 -31.09 10.24 16.76
C TRP B 118 -31.41 10.76 15.36
N PHE B 119 -32.15 9.98 14.57
CA PHE B 119 -32.58 10.44 13.25
C PHE B 119 -33.33 11.78 13.35
N GLU B 120 -34.24 11.88 14.32
CA GLU B 120 -35.03 13.08 14.41
C GLU B 120 -34.20 14.30 14.75
N ARG B 121 -33.19 14.13 15.61
CA ARG B 121 -32.35 15.29 15.90
C ARG B 121 -31.32 15.60 14.80
N PHE B 122 -30.52 14.62 14.43
CA PHE B 122 -29.41 14.87 13.53
C PHE B 122 -29.85 14.88 12.05
N GLY B 123 -30.96 14.22 11.73
CA GLY B 123 -31.38 14.10 10.35
C GLY B 123 -30.71 12.90 9.70
N ALA B 124 -31.32 12.44 8.63
CA ALA B 124 -30.94 11.14 8.08
C ALA B 124 -29.67 11.20 7.22
N GLN B 125 -29.36 12.36 6.69
CA GLN B 125 -28.21 12.56 5.84
C GLN B 125 -26.91 12.48 6.64
N ALA B 126 -27.02 12.53 7.96
CA ALA B 126 -25.84 12.52 8.82
C ALA B 126 -25.59 11.13 9.39
N LEU B 127 -26.48 10.19 9.08
CA LEU B 127 -26.37 8.89 9.72
C LEU B 127 -26.29 7.74 8.71
N VAL B 128 -25.54 6.71 9.08
CA VAL B 128 -25.44 5.50 8.29
C VAL B 128 -25.76 4.29 9.16
N LEU B 129 -26.73 3.49 8.77
CA LEU B 129 -27.08 2.27 9.50
C LEU B 129 -26.27 1.08 9.00
N ALA B 130 -25.47 0.48 9.87
CA ALA B 130 -24.62 -0.66 9.50
C ALA B 130 -25.27 -1.99 9.84
N LEU B 131 -25.48 -2.84 8.84
CA LEU B 131 -26.14 -4.14 9.03
C LEU B 131 -25.35 -5.32 8.48
N ASP B 132 -25.08 -6.27 9.36
CA ASP B 132 -24.57 -7.57 8.94
C ASP B 132 -25.75 -8.44 8.54
N VAL B 133 -25.75 -8.87 7.29
CA VAL B 133 -26.82 -9.66 6.72
C VAL B 133 -26.41 -11.12 6.55
N ARG B 134 -27.27 -12.01 7.03
CA ARG B 134 -27.13 -13.45 6.88
C ARG B 134 -28.22 -13.99 5.95
N ILE B 135 -27.86 -14.72 4.91
CA ILE B 135 -28.86 -15.53 4.22
C ILE B 135 -28.90 -16.89 4.91
N ASP B 136 -30.04 -17.24 5.51
CA ASP B 136 -30.16 -18.51 6.23
C ASP B 136 -30.60 -19.64 5.31
N GLU B 137 -30.64 -20.86 5.85
CA GLU B 137 -31.10 -22.07 5.14
C GLU B 137 -32.36 -21.84 4.32
N HIS B 138 -33.34 -21.18 4.95
CA HIS B 138 -34.61 -20.92 4.29
C HIS B 138 -34.39 -19.89 3.17
N GLY B 139 -33.37 -19.04 3.30
CA GLY B 139 -33.02 -18.08 2.27
C GLY B 139 -33.53 -16.66 2.52
N THR B 140 -33.84 -16.37 3.77
CA THR B 140 -34.24 -15.03 4.19
C THR B 140 -33.03 -14.15 4.58
N LYS B 141 -33.10 -12.87 4.26
CA LYS B 141 -32.04 -11.94 4.62
C LYS B 141 -32.26 -11.48 6.06
N GLN B 142 -31.52 -12.07 7.00
CA GLN B 142 -31.65 -11.73 8.40
C GLN B 142 -30.62 -10.69 8.84
N VAL B 143 -30.84 -10.06 9.99
CA VAL B 143 -29.94 -9.01 10.45
C VAL B 143 -29.28 -9.28 11.79
N ALA B 144 -27.95 -9.40 11.79
CA ALA B 144 -27.15 -9.66 13.01
C ALA B 144 -27.19 -8.50 14.01
N GLY B 153 -32.70 -11.85 15.09
CA GLY B 153 -34.15 -12.02 15.17
C GLY B 153 -34.94 -11.28 14.08
N VAL B 154 -34.35 -10.20 13.57
CA VAL B 154 -35.01 -9.28 12.63
C VAL B 154 -34.46 -9.36 11.19
N SER B 155 -35.36 -9.29 10.22
CA SER B 155 -35.00 -9.36 8.80
C SER B 155 -34.69 -7.96 8.28
N LEU B 156 -34.10 -7.90 7.09
CA LEU B 156 -33.76 -6.62 6.50
C LEU B 156 -34.99 -5.74 6.36
N GLU B 157 -36.04 -6.35 5.81
CA GLU B 157 -37.29 -5.65 5.54
C GLU B 157 -37.87 -5.04 6.80
N GLN B 158 -37.88 -5.79 7.89
CA GLN B 158 -38.39 -5.27 9.15
C GLN B 158 -37.67 -3.98 9.57
N LEU B 159 -36.35 -3.99 9.44
CA LEU B 159 -35.52 -2.88 9.86
C LEU B 159 -35.81 -1.66 8.99
N VAL B 160 -35.82 -1.88 7.69
CA VAL B 160 -36.18 -0.79 6.80
C VAL B 160 -37.55 -0.21 7.15
N GLU B 161 -38.50 -1.06 7.49
CA GLU B 161 -39.79 -0.57 7.92
C GLU B 161 -39.65 0.33 9.14
N THR B 162 -38.92 -0.15 10.13
CA THR B 162 -38.73 0.62 11.35
C THR B 162 -38.17 2.03 11.08
N TYR B 163 -37.35 2.18 10.06
CA TYR B 163 -36.65 3.46 9.90
C TYR B 163 -37.06 4.33 8.71
N LEU B 164 -37.95 3.85 7.84
CA LEU B 164 -38.50 4.70 6.78
C LEU B 164 -39.25 5.99 7.23
N PRO B 165 -40.07 5.91 8.31
CA PRO B 165 -40.77 7.09 8.83
C PRO B 165 -39.89 8.23 9.35
N VAL B 166 -38.64 7.91 9.63
CA VAL B 166 -37.66 8.88 10.06
C VAL B 166 -36.61 9.14 8.97
N GLY B 167 -36.92 8.73 7.75
CA GLY B 167 -36.17 9.16 6.58
C GLY B 167 -34.90 8.42 6.23
N LEU B 168 -34.79 7.18 6.70
CA LEU B 168 -33.61 6.33 6.45
C LEU B 168 -33.12 6.43 5.02
N LYS B 169 -31.81 6.66 4.85
CA LYS B 169 -31.24 6.86 3.51
C LYS B 169 -29.93 6.12 3.27
N HIS B 170 -29.13 5.93 4.31
CA HIS B 170 -27.83 5.32 4.10
C HIS B 170 -27.73 4.05 4.91
N VAL B 171 -27.52 2.96 4.17
CA VAL B 171 -27.27 1.67 4.79
C VAL B 171 -25.94 1.11 4.29
N LEU B 172 -25.16 0.62 5.25
CA LEU B 172 -23.94 -0.11 5.00
C LEU B 172 -24.22 -1.59 5.19
N CYS B 173 -24.15 -2.36 4.12
CA CYS B 173 -24.50 -3.77 4.17
C CYS B 173 -23.26 -4.70 4.09
N THR B 174 -23.02 -5.47 5.15
CA THR B 174 -21.99 -6.49 5.09
C THR B 174 -22.62 -7.86 5.03
N ASP B 175 -22.32 -8.63 4.00
CA ASP B 175 -22.88 -9.97 3.89
C ASP B 175 -21.88 -10.92 4.51
N ILE B 176 -22.32 -11.69 5.51
CA ILE B 176 -21.46 -12.60 6.24
C ILE B 176 -21.89 -14.08 6.08
N ASN B 186 -22.84 -12.80 -3.66
CA ASN B 186 -23.32 -11.54 -3.09
C ASN B 186 -24.10 -10.70 -4.08
N VAL B 187 -23.67 -10.72 -5.35
CA VAL B 187 -24.21 -9.86 -6.40
C VAL B 187 -25.74 -9.94 -6.50
N SER B 188 -26.31 -11.14 -6.41
CA SER B 188 -27.75 -11.30 -6.55
C SER B 188 -28.52 -10.62 -5.39
N LEU B 189 -28.02 -10.81 -4.17
CA LEU B 189 -28.50 -10.07 -3.00
C LEU B 189 -28.61 -8.57 -3.24
N TYR B 190 -27.49 -7.95 -3.56
CA TYR B 190 -27.44 -6.52 -3.79
C TYR B 190 -28.39 -6.14 -4.92
N GLU B 191 -28.50 -6.99 -5.94
CA GLU B 191 -29.39 -6.66 -7.04
C GLU B 191 -30.84 -6.58 -6.52
N GLU B 192 -31.24 -7.61 -5.78
CA GLU B 192 -32.62 -7.71 -5.27
C GLU B 192 -32.95 -6.53 -4.34
N VAL B 193 -32.17 -6.38 -3.26
CA VAL B 193 -32.46 -5.33 -2.27
C VAL B 193 -32.35 -3.92 -2.87
N CYS B 194 -31.38 -3.68 -3.76
CA CYS B 194 -31.28 -2.35 -4.35
C CYS B 194 -32.51 -2.08 -5.22
N ALA B 195 -33.05 -3.13 -5.84
CA ALA B 195 -34.28 -2.97 -6.61
C ALA B 195 -35.53 -2.71 -5.74
N ARG B 196 -35.58 -3.36 -4.58
CA ARG B 196 -36.76 -3.30 -3.71
C ARG B 196 -36.87 -1.92 -3.04
N TYR B 197 -35.71 -1.33 -2.79
CA TYR B 197 -35.63 -0.13 -2.00
C TYR B 197 -34.90 0.98 -2.73
N PRO B 198 -35.52 1.53 -3.77
CA PRO B 198 -34.91 2.60 -4.54
C PRO B 198 -34.65 3.87 -3.73
N GLN B 199 -35.13 3.94 -2.50
CA GLN B 199 -35.00 5.15 -1.70
C GLN B 199 -33.77 5.03 -0.78
N ILE B 200 -33.23 3.82 -0.67
CA ILE B 200 -32.01 3.63 0.09
C ILE B 200 -30.78 3.61 -0.81
N ALA B 201 -29.76 4.37 -0.43
CA ALA B 201 -28.45 4.30 -1.07
C ALA B 201 -27.61 3.26 -0.35
N PHE B 202 -27.45 2.10 -0.98
CA PHE B 202 -26.69 1.03 -0.37
C PHE B 202 -25.17 1.15 -0.57
N GLN B 203 -24.44 0.82 0.50
CA GLN B 203 -22.98 0.71 0.49
C GLN B 203 -22.57 -0.72 0.73
N SER B 204 -21.76 -1.27 -0.17
CA SER B 204 -21.27 -2.62 0.06
C SER B 204 -19.95 -2.59 0.83
N SER B 205 -19.81 -3.49 1.79
CA SER B 205 -18.56 -3.66 2.52
C SER B 205 -18.19 -5.14 2.53
N GLY B 206 -16.90 -5.43 2.51
CA GLY B 206 -16.44 -6.80 2.48
C GLY B 206 -16.66 -7.42 1.11
N GLY B 207 -16.07 -8.59 0.88
CA GLY B 207 -16.17 -9.25 -0.40
C GLY B 207 -15.28 -8.69 -1.50
N ILE B 208 -14.53 -7.62 -1.21
CA ILE B 208 -13.59 -7.09 -2.19
C ILE B 208 -12.18 -7.62 -1.95
N GLY B 209 -11.66 -8.35 -2.94
CA GLY B 209 -10.35 -8.96 -2.83
C GLY B 209 -9.51 -8.68 -4.06
N ASP B 210 -10.18 -8.38 -5.17
CA ASP B 210 -9.44 -8.00 -6.35
C ASP B 210 -10.29 -7.05 -7.15
N ILE B 211 -9.71 -6.46 -8.19
CA ILE B 211 -10.38 -5.43 -8.98
C ILE B 211 -11.68 -5.96 -9.61
N ASP B 212 -11.72 -7.27 -9.85
CA ASP B 212 -12.88 -7.90 -10.49
C ASP B 212 -14.09 -7.88 -9.58
N ASP B 213 -13.89 -8.11 -8.28
CA ASP B 213 -14.96 -7.94 -7.30
C ASP B 213 -15.60 -6.56 -7.42
N ILE B 214 -14.80 -5.53 -7.69
CA ILE B 214 -15.37 -4.20 -7.87
C ILE B 214 -16.21 -4.16 -9.14
N ALA B 215 -15.64 -4.69 -10.22
CA ALA B 215 -16.38 -4.80 -11.49
C ALA B 215 -17.74 -5.53 -11.37
N ALA B 216 -17.76 -6.57 -10.54
CA ALA B 216 -18.93 -7.39 -10.31
C ALA B 216 -20.08 -6.58 -9.75
N LEU B 217 -19.80 -5.69 -8.80
CA LEU B 217 -20.83 -4.89 -8.16
C LEU B 217 -21.27 -3.71 -9.00
N ARG B 218 -20.68 -3.55 -10.19
CA ARG B 218 -20.84 -2.28 -10.88
C ARG B 218 -22.30 -1.98 -11.24
N GLY B 219 -22.99 -2.89 -11.91
CA GLY B 219 -24.34 -2.60 -12.36
C GLY B 219 -25.51 -3.03 -11.46
N THR B 220 -25.21 -3.38 -10.21
CA THR B 220 -26.17 -4.00 -9.30
C THR B 220 -27.17 -3.01 -8.70
N GLY B 221 -26.83 -1.73 -8.74
CA GLY B 221 -27.60 -0.71 -8.06
C GLY B 221 -26.94 -0.20 -6.78
N VAL B 222 -25.97 -0.93 -6.26
CA VAL B 222 -25.17 -0.44 -5.13
C VAL B 222 -24.60 0.96 -5.44
N ARG B 223 -24.63 1.82 -4.45
CA ARG B 223 -24.31 3.23 -4.69
C ARG B 223 -22.87 3.52 -4.32
N GLY B 224 -22.38 2.83 -3.30
CA GLY B 224 -21.02 2.98 -2.82
C GLY B 224 -20.39 1.64 -2.44
N VAL B 225 -19.10 1.47 -2.76
CA VAL B 225 -18.37 0.25 -2.40
C VAL B 225 -17.26 0.59 -1.41
N ILE B 226 -17.33 0.04 -0.20
CA ILE B 226 -16.27 0.24 0.77
C ILE B 226 -15.10 -0.68 0.42
N VAL B 227 -13.89 -0.11 0.27
CA VAL B 227 -12.69 -0.91 0.04
C VAL B 227 -11.62 -0.65 1.10
N GLY B 228 -11.15 -1.70 1.77
CA GLY B 228 -10.15 -1.60 2.81
C GLY B 228 -8.90 -2.44 2.59
N ARG B 229 -8.95 -3.69 3.04
CA ARG B 229 -7.88 -4.69 2.92
C ARG B 229 -7.12 -4.72 1.60
N ALA B 230 -7.86 -4.74 0.50
CA ALA B 230 -7.25 -4.84 -0.82
C ALA B 230 -6.25 -3.71 -1.09
N LEU B 231 -6.50 -2.53 -0.52
CA LEU B 231 -5.62 -1.39 -0.74
C LEU B 231 -4.36 -1.59 0.07
N LEU B 232 -4.54 -2.00 1.31
CA LEU B 232 -3.41 -2.21 2.19
C LEU B 232 -2.55 -3.37 1.68
N GLU B 233 -3.18 -4.29 0.98
CA GLU B 233 -2.47 -5.46 0.46
C GLU B 233 -1.78 -5.17 -0.86
N GLY B 234 -2.11 -4.04 -1.49
CA GLY B 234 -1.48 -3.64 -2.73
C GLY B 234 -1.99 -4.38 -3.94
N LYS B 235 -3.22 -4.90 -3.90
CA LYS B 235 -3.78 -5.56 -5.06
C LYS B 235 -4.05 -4.54 -6.14
N PHE B 236 -4.56 -3.39 -5.74
CA PHE B 236 -4.82 -2.29 -6.65
C PHE B 236 -4.76 -0.96 -5.92
N THR B 237 -4.81 0.13 -6.67
CA THR B 237 -4.75 1.44 -6.08
C THR B 237 -6.15 2.05 -6.13
N VAL B 238 -6.40 3.08 -5.31
CA VAL B 238 -7.67 3.75 -5.34
C VAL B 238 -7.95 4.27 -6.75
N LYS B 239 -6.92 4.79 -7.43
CA LYS B 239 -7.11 5.26 -8.81
C LYS B 239 -7.63 4.17 -9.75
N GLU B 240 -7.10 2.96 -9.63
CA GLU B 240 -7.55 1.84 -10.45
C GLU B 240 -9.00 1.46 -10.11
N ALA B 241 -9.31 1.34 -8.82
CA ALA B 241 -10.69 1.08 -8.35
C ALA B 241 -11.66 2.05 -8.94
N ILE B 242 -11.28 3.32 -8.94
CA ILE B 242 -12.17 4.35 -9.46
C ILE B 242 -12.32 4.17 -10.96
N GLN B 243 -11.20 3.91 -11.63
CA GLN B 243 -11.21 3.66 -13.07
C GLN B 243 -12.19 2.54 -13.45
N CME B 244 -12.17 1.47 -12.67
CA CME B 244 -12.96 0.30 -12.93
CB CME B 244 -12.47 -0.90 -12.12
SG CME B 244 -13.33 -2.43 -12.32
SD CME B 244 -13.63 -2.66 -14.39
CE CME B 244 -12.58 -3.99 -14.87
CZ CME B 244 -11.30 -4.08 -14.05
OH CME B 244 -11.01 -5.47 -13.90
C CME B 244 -14.44 0.60 -12.65
O CME B 244 -15.33 0.48 -13.48
N TRP B 245 -14.69 1.02 -11.41
CA TRP B 245 -16.04 1.34 -10.97
C TRP B 245 -16.71 2.38 -11.83
N GLN B 246 -16.01 3.47 -12.12
CA GLN B 246 -16.61 4.56 -12.87
C GLN B 246 -16.62 4.27 -14.38
N ASN B 247 -16.29 3.03 -14.74
CA ASN B 247 -16.18 2.57 -16.13
C ASN B 247 -15.74 3.63 -17.13
NA NA C . 9.37 5.37 -14.77
S SO4 D . 12.73 3.33 0.34
O1 SO4 D . 13.50 3.50 -0.91
O2 SO4 D . 12.71 1.90 0.72
O3 SO4 D . 13.49 4.07 1.37
O4 SO4 D . 11.35 3.86 0.20
NA NA E . -15.38 6.97 -7.45
S SO4 F . -12.27 -4.68 2.33
O1 SO4 F . -11.22 -4.87 1.29
O2 SO4 F . -13.38 -5.60 2.08
O3 SO4 F . -11.68 -4.89 3.68
O4 SO4 F . -12.84 -3.34 2.32
#